data_3U0W
#
_entry.id   3U0W
#
_cell.length_a   64.047
_cell.length_b   81.292
_cell.length_c   108.474
_cell.angle_alpha   90.00
_cell.angle_beta   90.00
_cell.angle_gamma   90.00
#
_symmetry.space_group_name_H-M   'P 21 21 21'
#
loop_
_entity.id
_entity.type
_entity.pdbx_description
1 polymer 'Fab Heavy Chain, Ig gamma-1 chain C region'
2 polymer 'Fab Light Chain, Ig kappa chain C region'
3 water water
#
loop_
_entity_poly.entity_id
_entity_poly.type
_entity_poly.pdbx_seq_one_letter_code
_entity_poly.pdbx_strand_id
1 'polypeptide(L)'
;EVKLLESGGGLVQPGGSLKISCAASGFDFSRYWMNWVRQAPGKGLEWIGEINPDSSTINYTPSLKDKFIISRDNAKNTLY
LQMSKVRSEDTAIYYCARQMGYWGQGTTLTVSSASTKGPSVFPLAPSSKSTSGGTAALGCLVKDYFPEPVTVSWNSGALT
SGVHTFPAVLQSSGLYSLSSVVTVPSSSLGTQTYICNVNHKPSNTKVDKKVEPKSC
;
H
2 'polypeptide(L)'
;DIQMTQTTSSLSASLGDRVTISCSASQGISNYLNWFQQKPDGTVKLLIYYTSSLHSGVPSRFSGSGSGTDYSLTISNLEP
EDIATYYCQQYRKLPYTFGGGTKLEIKRTVAAPSVFIFPPSDEQLKSGTASVVCLLNNFYPREAKVQWKVDNALQSGNSQ
ESVTEQDSKDSTYSLSSTLTLSKADYEKHKVYACEVTHQGLSSPVTKSFNRGEC
;
L
#
# COMPACT_ATOMS: atom_id res chain seq x y z
N GLU A 1 0.26 22.59 -20.45
CA GLU A 1 0.38 21.69 -19.30
C GLU A 1 1.63 20.77 -19.44
N VAL A 2 2.57 20.90 -18.52
CA VAL A 2 3.70 19.92 -18.35
C VAL A 2 3.15 18.50 -18.20
N LYS A 3 3.57 17.58 -19.05
CA LYS A 3 3.10 16.19 -18.92
C LYS A 3 4.28 15.20 -19.08
N LEU A 4 4.31 14.14 -18.25
CA LEU A 4 5.37 13.15 -18.21
C LEU A 4 4.72 11.77 -18.18
N LEU A 5 4.94 10.98 -19.21
CA LEU A 5 4.22 9.75 -19.41
C LEU A 5 5.16 8.59 -19.46
N GLU A 6 5.10 7.75 -18.44
CA GLU A 6 5.98 6.64 -18.31
C GLU A 6 5.44 5.39 -18.96
N SER A 7 6.31 4.51 -19.36
CA SER A 7 5.92 3.23 -19.92
C SER A 7 7.08 2.33 -19.80
N GLY A 8 6.82 1.06 -20.03
CA GLY A 8 7.88 0.05 -20.17
C GLY A 8 7.87 -0.86 -18.95
N GLY A 9 7.01 -0.58 -17.96
CA GLY A 9 6.96 -1.48 -16.82
C GLY A 9 6.33 -2.87 -17.11
N GLY A 10 6.67 -3.86 -16.29
CA GLY A 10 6.08 -5.16 -16.40
C GLY A 10 6.67 -6.18 -15.45
N LEU A 11 6.40 -7.45 -15.76
CA LEU A 11 6.96 -8.55 -15.04
C LEU A 11 8.34 -8.88 -15.59
N VAL A 12 9.30 -9.13 -14.72
CA VAL A 12 10.64 -9.51 -15.14
C VAL A 12 11.13 -10.57 -14.18
N GLN A 13 11.81 -11.62 -14.67
CA GLN A 13 12.43 -12.61 -13.75
C GLN A 13 13.63 -12.06 -13.03
N PRO A 14 13.95 -12.60 -11.86
CA PRO A 14 15.15 -12.10 -11.20
C PRO A 14 16.43 -12.32 -12.05
N GLY A 15 17.36 -11.36 -12.00
CA GLY A 15 18.51 -11.36 -12.89
C GLY A 15 18.27 -10.84 -14.26
N GLY A 16 17.03 -10.55 -14.62
CA GLY A 16 16.73 -9.96 -15.94
C GLY A 16 17.03 -8.44 -16.00
N SER A 17 16.66 -7.87 -17.15
CA SER A 17 16.82 -6.49 -17.54
C SER A 17 15.54 -5.89 -18.06
N LEU A 18 15.43 -4.56 -17.96
CA LEU A 18 14.30 -3.81 -18.46
C LEU A 18 14.77 -2.35 -18.67
N LYS A 19 14.25 -1.70 -19.69
CA LYS A 19 14.45 -0.30 -19.95
C LYS A 19 13.10 0.33 -19.88
N ILE A 20 12.93 1.30 -18.98
CA ILE A 20 11.68 2.09 -18.93
C ILE A 20 11.89 3.53 -19.50
N SER A 21 10.79 4.17 -19.88
CA SER A 21 10.81 5.45 -20.54
C SER A 21 9.86 6.41 -19.95
N CYS A 22 10.16 7.67 -20.20
CA CYS A 22 9.34 8.78 -19.77
C CYS A 22 9.32 9.81 -20.89
N ALA A 23 8.15 9.90 -21.55
CA ALA A 23 7.92 10.84 -22.68
C ALA A 23 7.39 12.19 -22.18
N ALA A 24 8.13 13.27 -22.46
CA ALA A 24 7.77 14.56 -21.96
C ALA A 24 6.98 15.37 -22.98
N SER A 25 6.04 16.19 -22.52
CA SER A 25 5.44 17.14 -23.42
C SER A 25 5.01 18.39 -22.69
N GLY A 26 4.73 19.45 -23.46
CA GLY A 26 4.31 20.75 -22.90
C GLY A 26 5.38 21.60 -22.25
N PHE A 27 6.65 21.29 -22.48
CA PHE A 27 7.70 22.18 -22.01
C PHE A 27 8.90 21.94 -22.91
N ASP A 28 9.94 22.74 -22.76
CA ASP A 28 11.23 22.48 -23.44
C ASP A 28 12.13 21.46 -22.67
N PHE A 29 11.99 20.19 -23.02
CA PHE A 29 12.67 19.07 -22.36
C PHE A 29 14.18 19.23 -22.29
N SER A 30 14.78 19.79 -23.35
CA SER A 30 16.22 19.94 -23.43
C SER A 30 16.77 20.95 -22.43
N ARG A 31 15.92 21.76 -21.80
CA ARG A 31 16.37 22.77 -20.85
C ARG A 31 16.44 22.25 -19.39
N TYR A 32 15.95 21.04 -19.06
CA TYR A 32 15.83 20.58 -17.67
C TYR A 32 16.68 19.39 -17.27
N TRP A 33 17.22 19.49 -16.06
CA TRP A 33 17.66 18.30 -15.30
C TRP A 33 16.47 17.41 -14.97
N MET A 34 16.66 16.11 -15.10
CA MET A 34 15.58 15.12 -14.85
C MET A 34 15.99 14.13 -13.79
N ASN A 35 15.01 13.64 -13.06
CA ASN A 35 15.24 12.75 -11.95
C ASN A 35 14.42 11.48 -12.12
N TRP A 36 14.94 10.39 -11.54
CA TRP A 36 14.16 9.14 -11.31
C TRP A 36 14.04 8.87 -9.82
N VAL A 37 12.85 8.47 -9.42
CA VAL A 37 12.54 8.12 -8.02
C VAL A 37 11.79 6.81 -7.98
N ARG A 38 11.96 5.99 -6.95
CA ARG A 38 11.09 4.78 -6.87
C ARG A 38 10.41 4.57 -5.51
N GLN A 39 9.42 3.68 -5.48
CA GLN A 39 8.65 3.39 -4.25
C GLN A 39 8.24 1.87 -4.27
N ALA A 40 8.83 1.10 -3.36
CA ALA A 40 8.46 -0.32 -3.14
C ALA A 40 7.08 -0.40 -2.49
N PRO A 41 6.31 -1.46 -2.76
CA PRO A 41 5.01 -1.65 -2.14
C PRO A 41 5.03 -1.40 -0.62
N GLY A 42 4.17 -0.48 -0.18
CA GLY A 42 3.97 -0.15 1.22
C GLY A 42 5.12 0.62 1.84
N LYS A 43 6.09 1.10 1.04
CA LYS A 43 7.29 1.80 1.57
C LYS A 43 7.36 3.29 1.13
N GLY A 44 8.49 3.97 1.37
CA GLY A 44 8.60 5.38 1.06
C GLY A 44 9.28 5.64 -0.26
N LEU A 45 9.52 6.92 -0.50
CA LEU A 45 10.08 7.34 -1.77
C LEU A 45 11.55 7.15 -1.57
N GLU A 46 12.26 6.75 -2.63
CA GLU A 46 13.71 6.62 -2.65
C GLU A 46 14.24 7.24 -3.97
N TRP A 47 15.15 8.20 -3.85
CA TRP A 47 15.78 8.80 -5.03
C TRP A 47 16.70 7.81 -5.73
N ILE A 48 16.58 7.70 -7.06
CA ILE A 48 17.50 6.90 -7.88
C ILE A 48 18.67 7.65 -8.52
N GLY A 49 18.40 8.76 -9.21
CA GLY A 49 19.45 9.52 -9.85
C GLY A 49 18.90 10.71 -10.63
N GLU A 50 19.84 11.52 -11.17
CA GLU A 50 19.54 12.71 -11.97
C GLU A 50 20.52 12.79 -13.14
N ILE A 51 20.04 13.42 -14.21
CA ILE A 51 20.81 13.68 -15.42
C ILE A 51 20.60 15.15 -15.87
N ASN A 52 21.68 15.81 -16.23
CA ASN A 52 21.61 17.21 -16.72
C ASN A 52 21.23 17.28 -18.18
N PRO A 53 20.89 18.48 -18.71
CA PRO A 53 20.39 18.55 -20.08
C PRO A 53 21.26 17.91 -21.20
N ASP A 54 22.59 18.02 -21.12
CA ASP A 54 23.46 17.57 -22.23
C ASP A 54 24.12 16.24 -21.86
N SER A 55 23.59 15.55 -20.81
CA SER A 55 24.09 14.28 -20.31
C SER A 55 25.55 14.21 -19.90
N SER A 56 26.17 15.36 -19.60
CA SER A 56 27.54 15.31 -19.11
C SER A 56 27.67 15.03 -17.62
N THR A 57 26.58 15.25 -16.85
CA THR A 57 26.56 14.83 -15.45
C THR A 57 25.36 13.89 -15.18
N ILE A 58 25.66 12.75 -14.61
CA ILE A 58 24.66 11.76 -14.24
C ILE A 58 25.05 11.33 -12.86
N ASN A 59 24.17 11.52 -11.89
CA ASN A 59 24.45 11.25 -10.45
C ASN A 59 23.50 10.15 -10.00
N TYR A 60 24.01 9.13 -9.31
CA TYR A 60 23.17 8.03 -8.83
C TYR A 60 23.26 7.94 -7.37
N THR A 61 22.27 7.32 -6.78
CA THR A 61 22.31 6.99 -5.40
C THR A 61 23.33 5.84 -5.32
N PRO A 62 24.28 5.86 -4.36
CA PRO A 62 25.50 4.99 -4.53
C PRO A 62 25.21 3.49 -4.58
N SER A 63 24.22 3.06 -3.83
CA SER A 63 23.78 1.67 -3.89
C SER A 63 23.26 1.14 -5.25
N LEU A 64 22.92 2.01 -6.20
CA LEU A 64 22.37 1.56 -7.50
C LEU A 64 23.24 1.89 -8.70
N LYS A 65 24.36 2.55 -8.45
CA LYS A 65 25.23 3.06 -9.53
C LYS A 65 25.79 1.99 -10.46
N ASP A 66 25.85 0.74 -10.02
CA ASP A 66 26.32 -0.28 -10.93
C ASP A 66 25.15 -0.97 -11.64
N LYS A 67 24.01 -1.07 -10.97
CA LYS A 67 22.81 -1.72 -11.50
C LYS A 67 22.15 -0.93 -12.63
N PHE A 68 22.02 0.39 -12.46
CA PHE A 68 21.09 1.21 -13.27
C PHE A 68 21.85 2.23 -14.09
N ILE A 69 21.36 2.48 -15.32
CA ILE A 69 21.88 3.48 -16.25
C ILE A 69 20.78 4.47 -16.66
N ILE A 70 20.97 5.73 -16.31
CA ILE A 70 20.07 6.79 -16.80
C ILE A 70 20.55 7.43 -18.12
N SER A 71 19.65 7.79 -19.07
CA SER A 71 20.06 8.44 -20.30
C SER A 71 18.90 9.26 -20.75
N ARG A 72 19.10 10.02 -21.81
CA ARG A 72 17.99 10.81 -22.33
C ARG A 72 18.20 11.08 -23.79
N ASP A 73 17.14 11.41 -24.49
CA ASP A 73 17.22 11.67 -25.92
C ASP A 73 16.40 12.93 -26.16
N ASN A 74 17.08 14.08 -26.17
CA ASN A 74 16.38 15.37 -26.27
C ASN A 74 15.50 15.56 -27.49
N ALA A 75 15.94 14.97 -28.61
CA ALA A 75 15.24 15.08 -29.89
C ALA A 75 13.93 14.31 -29.82
N LYS A 76 13.93 13.23 -29.05
CA LYS A 76 12.75 12.43 -28.79
C LYS A 76 11.95 12.87 -27.54
N ASN A 77 12.40 13.90 -26.83
CA ASN A 77 11.83 14.29 -25.53
C ASN A 77 11.55 13.10 -24.58
N THR A 78 12.53 12.23 -24.45
CA THR A 78 12.38 11.05 -23.65
C THR A 78 13.57 10.87 -22.71
N LEU A 79 13.25 10.44 -21.49
CA LEU A 79 14.21 10.06 -20.47
C LEU A 79 14.11 8.55 -20.32
N TYR A 80 15.20 7.88 -20.02
CA TYR A 80 15.20 6.43 -19.94
C TYR A 80 15.84 6.05 -18.64
N LEU A 81 15.45 4.87 -18.13
CA LEU A 81 16.21 4.15 -17.10
C LEU A 81 16.39 2.69 -17.50
N GLN A 82 17.64 2.23 -17.56
CA GLN A 82 17.99 0.85 -17.85
C GLN A 82 18.34 0.15 -16.53
N MET A 83 17.63 -0.91 -16.26
CA MET A 83 17.78 -1.71 -15.08
C MET A 83 18.41 -3.06 -15.50
N SER A 84 19.36 -3.51 -14.74
CA SER A 84 20.02 -4.77 -15.03
C SER A 84 20.11 -5.51 -13.74
N LYS A 85 20.33 -6.81 -13.88
CA LYS A 85 20.39 -7.77 -12.78
C LYS A 85 19.32 -7.49 -11.77
N VAL A 86 18.07 -7.31 -12.20
CA VAL A 86 17.04 -6.89 -11.21
C VAL A 86 16.85 -7.98 -10.11
N ARG A 87 16.51 -7.58 -8.90
CA ARG A 87 16.18 -8.52 -7.81
C ARG A 87 14.84 -8.15 -7.23
N SER A 88 14.37 -8.96 -6.29
CA SER A 88 13.09 -8.72 -5.62
C SER A 88 12.98 -7.35 -5.01
N GLU A 89 14.06 -6.90 -4.41
CA GLU A 89 14.10 -5.56 -3.84
C GLU A 89 13.89 -4.41 -4.84
N ASP A 90 14.01 -4.66 -6.14
CA ASP A 90 13.75 -3.63 -7.15
C ASP A 90 12.28 -3.52 -7.52
N THR A 91 11.47 -4.48 -7.07
CA THR A 91 10.04 -4.41 -7.35
C THR A 91 9.56 -3.01 -6.78
N ALA A 92 8.93 -2.20 -7.63
CA ALA A 92 8.52 -0.83 -7.24
C ALA A 92 7.78 -0.13 -8.31
N ILE A 93 7.22 0.99 -7.93
CA ILE A 93 6.74 1.96 -8.93
C ILE A 93 7.89 2.96 -9.13
N TYR A 94 8.17 3.28 -10.38
CA TYR A 94 9.28 4.13 -10.85
C TYR A 94 8.68 5.40 -11.44
N TYR A 95 9.08 6.56 -10.87
CA TYR A 95 8.60 7.83 -11.28
C TYR A 95 9.72 8.63 -11.90
N CYS A 96 9.41 9.32 -13.01
CA CYS A 96 10.28 10.38 -13.53
C CYS A 96 9.79 11.74 -13.00
N ALA A 97 10.69 12.69 -12.91
CA ALA A 97 10.33 14.05 -12.48
C ALA A 97 11.16 15.06 -13.25
N ARG A 98 10.55 16.19 -13.66
CA ARG A 98 11.26 17.37 -14.17
C ARG A 98 11.74 18.13 -12.95
N GLN A 99 13.05 18.25 -12.75
CA GLN A 99 13.61 18.61 -11.43
C GLN A 99 12.88 17.77 -10.41
N MET A 100 12.35 18.35 -9.31
CA MET A 100 11.42 17.63 -8.47
C MET A 100 10.03 18.28 -8.52
N GLY A 101 9.82 19.16 -9.48
CA GLY A 101 8.58 19.89 -9.57
C GLY A 101 7.41 19.23 -10.22
N TYR A 102 7.66 18.38 -11.21
CA TYR A 102 6.60 17.73 -11.96
C TYR A 102 6.91 16.26 -12.07
N TRP A 103 5.96 15.43 -11.67
CA TRP A 103 6.09 13.96 -11.63
C TRP A 103 5.21 13.17 -12.59
N GLY A 104 5.80 12.17 -13.21
CA GLY A 104 5.06 11.19 -13.93
C GLY A 104 4.15 10.39 -13.01
N GLN A 105 3.22 9.69 -13.63
CA GLN A 105 2.23 8.85 -12.94
C GLN A 105 2.82 7.53 -12.43
N GLY A 106 3.98 7.13 -12.94
CA GLY A 106 4.63 5.92 -12.48
C GLY A 106 4.42 4.76 -13.44
N THR A 107 5.43 3.91 -13.51
CA THR A 107 5.28 2.58 -14.18
C THR A 107 5.85 1.54 -13.21
N THR A 108 5.21 0.35 -13.20
CA THR A 108 5.52 -0.64 -12.23
C THR A 108 6.34 -1.77 -12.76
N LEU A 109 7.40 -2.07 -12.02
CA LEU A 109 8.25 -3.21 -12.18
C LEU A 109 7.93 -4.24 -11.09
N THR A 110 7.61 -5.46 -11.53
CA THR A 110 7.46 -6.57 -10.61
C THR A 110 8.51 -7.59 -10.91
N VAL A 111 9.36 -7.88 -9.93
CA VAL A 111 10.43 -8.83 -10.20
C VAL A 111 10.07 -10.13 -9.50
N SER A 112 9.81 -11.17 -10.28
CA SER A 112 9.32 -12.42 -9.72
C SER A 112 9.52 -13.59 -10.71
N SER A 113 9.77 -14.77 -10.11
CA SER A 113 9.77 -16.08 -10.75
C SER A 113 8.42 -16.74 -11.02
N ALA A 114 7.35 -16.19 -10.45
CA ALA A 114 6.07 -16.87 -10.40
C ALA A 114 5.46 -16.78 -11.79
N SER A 115 4.69 -17.77 -12.17
CA SER A 115 3.90 -17.69 -13.39
C SER A 115 2.50 -17.16 -13.17
N THR A 116 1.87 -16.66 -14.26
CA THR A 116 0.47 -16.24 -14.18
C THR A 116 -0.43 -17.39 -13.71
N LYS A 117 -1.32 -17.13 -12.75
CA LYS A 117 -2.16 -18.16 -12.18
C LYS A 117 -3.44 -17.48 -11.70
N GLY A 118 -4.57 -18.01 -12.07
CA GLY A 118 -5.84 -17.59 -11.55
C GLY A 118 -6.07 -18.09 -10.13
N PRO A 119 -6.90 -17.37 -9.37
CA PRO A 119 -7.13 -17.70 -7.96
C PRO A 119 -8.04 -18.90 -7.75
N SER A 120 -7.86 -19.61 -6.65
CA SER A 120 -8.96 -20.47 -6.06
C SER A 120 -9.80 -19.65 -5.12
N VAL A 121 -11.11 -19.76 -5.16
CA VAL A 121 -11.94 -18.95 -4.30
C VAL A 121 -12.66 -19.85 -3.30
N PHE A 122 -12.51 -19.58 -2.02
CA PHE A 122 -13.04 -20.43 -0.99
C PHE A 122 -14.02 -19.62 -0.19
N PRO A 123 -15.06 -20.29 0.36
CA PRO A 123 -15.99 -19.55 1.20
C PRO A 123 -15.48 -19.19 2.62
N LEU A 124 -15.88 -18.04 3.14
CA LEU A 124 -15.76 -17.71 4.60
C LEU A 124 -17.22 -17.67 5.06
N ALA A 125 -17.69 -18.81 5.54
CA ALA A 125 -19.14 -19.06 5.72
C ALA A 125 -19.56 -18.33 6.99
N PRO A 126 -20.75 -17.77 6.99
CA PRO A 126 -21.26 -17.20 8.25
C PRO A 126 -21.74 -18.24 9.23
N SER A 127 -21.71 -17.90 10.50
CA SER A 127 -22.55 -18.60 11.52
C SER A 127 -22.73 -17.73 12.76
N THR A 135 -26.33 -9.11 13.40
CA THR A 135 -25.24 -9.03 12.37
C THR A 135 -24.28 -10.24 12.23
N ALA A 136 -24.15 -10.72 11.00
CA ALA A 136 -23.28 -11.85 10.70
C ALA A 136 -22.18 -11.34 9.71
N ALA A 137 -21.07 -12.02 9.59
CA ALA A 137 -20.11 -11.65 8.52
C ALA A 137 -19.92 -12.92 7.69
N LEU A 138 -19.65 -12.70 6.40
CA LEU A 138 -19.30 -13.75 5.54
C LEU A 138 -18.37 -13.16 4.50
N GLY A 139 -17.78 -14.05 3.70
CA GLY A 139 -16.83 -13.60 2.74
C GLY A 139 -16.34 -14.65 1.79
N CYS A 140 -15.34 -14.22 1.03
CA CYS A 140 -14.62 -15.04 0.09
C CYS A 140 -13.14 -14.87 0.29
N LEU A 141 -12.41 -15.99 0.40
CA LEU A 141 -10.95 -16.01 0.38
C LEU A 141 -10.46 -16.29 -1.01
N VAL A 142 -9.69 -15.34 -1.57
CA VAL A 142 -9.23 -15.43 -2.95
C VAL A 142 -7.77 -15.69 -2.97
N LYS A 143 -7.42 -16.97 -3.21
CA LYS A 143 -6.14 -17.50 -2.80
C LYS A 143 -5.28 -17.94 -4.00
N ASP A 144 -3.99 -17.66 -3.92
CA ASP A 144 -2.95 -18.17 -4.84
C ASP A 144 -3.05 -17.74 -6.30
N TYR A 145 -3.06 -16.43 -6.53
CA TYR A 145 -3.01 -15.84 -7.83
C TYR A 145 -1.76 -14.97 -8.08
N PHE A 146 -1.54 -14.71 -9.35
CA PHE A 146 -0.41 -13.93 -9.87
C PHE A 146 -0.64 -13.53 -11.33
N PRO A 147 -0.37 -12.25 -11.70
CA PRO A 147 0.07 -11.19 -10.79
C PRO A 147 -1.20 -10.44 -10.28
N GLU A 148 -1.00 -9.31 -9.60
CA GLU A 148 -2.10 -8.40 -9.25
C GLU A 148 -2.57 -7.79 -10.57
N PRO A 149 -3.77 -7.22 -10.60
CA PRO A 149 -4.82 -7.10 -9.57
C PRO A 149 -5.89 -8.22 -9.68
N VAL A 150 -6.71 -8.39 -8.64
CA VAL A 150 -8.02 -9.02 -8.76
C VAL A 150 -9.09 -8.04 -8.33
N THR A 151 -10.30 -8.17 -8.90
CA THR A 151 -11.44 -7.42 -8.41
C THR A 151 -12.54 -8.35 -7.86
N VAL A 152 -13.32 -7.85 -6.90
CA VAL A 152 -14.34 -8.67 -6.24
C VAL A 152 -15.57 -7.76 -6.20
N SER A 153 -16.73 -8.29 -6.56
CA SER A 153 -18.04 -7.67 -6.28
C SER A 153 -18.89 -8.74 -5.60
N TRP A 154 -20.01 -8.29 -5.03
CA TRP A 154 -20.96 -9.04 -4.39
C TRP A 154 -22.30 -8.97 -5.10
N ASN A 155 -22.91 -10.11 -5.37
CA ASN A 155 -24.23 -10.01 -6.04
C ASN A 155 -24.25 -9.14 -7.33
N SER A 156 -23.16 -9.29 -8.10
CA SER A 156 -22.97 -8.57 -9.36
C SER A 156 -23.09 -7.08 -9.16
N GLY A 157 -22.70 -6.61 -7.99
CA GLY A 157 -22.66 -5.18 -7.75
C GLY A 157 -23.91 -4.63 -7.12
N ALA A 158 -24.95 -5.46 -6.89
CA ALA A 158 -26.12 -4.97 -6.09
C ALA A 158 -25.85 -4.86 -4.60
N LEU A 159 -24.82 -5.52 -4.09
CA LEU A 159 -24.45 -5.47 -2.65
C LEU A 159 -23.12 -4.69 -2.49
N THR A 160 -23.18 -3.46 -1.98
CA THR A 160 -22.03 -2.63 -1.79
C THR A 160 -21.87 -2.19 -0.33
N SER A 161 -22.98 -1.98 0.38
CA SER A 161 -22.91 -1.54 1.75
C SER A 161 -22.47 -2.70 2.71
N GLY A 162 -21.55 -2.35 3.61
CA GLY A 162 -20.89 -3.26 4.52
C GLY A 162 -19.77 -4.14 3.92
N VAL A 163 -19.36 -3.91 2.68
CA VAL A 163 -18.36 -4.72 2.05
C VAL A 163 -16.95 -4.13 2.40
N HIS A 164 -15.98 -4.99 2.68
CA HIS A 164 -14.60 -4.62 2.72
C HIS A 164 -13.79 -5.67 1.92
N THR A 165 -13.09 -5.17 0.94
CA THR A 165 -12.21 -5.97 0.13
C THR A 165 -10.78 -5.55 0.55
N PHE A 166 -10.03 -6.46 1.16
CA PHE A 166 -8.75 -6.12 1.79
C PHE A 166 -7.62 -6.08 0.75
N PRO A 167 -6.55 -5.29 1.01
CA PRO A 167 -5.34 -5.42 0.14
C PRO A 167 -4.84 -6.85 0.19
N ALA A 168 -4.31 -7.32 -0.95
CA ALA A 168 -3.64 -8.61 -1.03
C ALA A 168 -2.38 -8.64 -0.22
N VAL A 169 -2.00 -9.83 0.19
CA VAL A 169 -0.73 -10.12 0.81
C VAL A 169 0.00 -11.02 -0.16
N LEU A 170 1.31 -10.78 -0.23
CA LEU A 170 2.25 -11.59 -1.01
C LEU A 170 2.72 -12.71 -0.14
N GLN A 171 2.36 -13.92 -0.51
CA GLN A 171 2.77 -15.06 0.30
C GLN A 171 4.21 -15.42 -0.06
N SER A 172 4.77 -16.36 0.68
CA SER A 172 6.19 -16.75 0.48
C SER A 172 6.34 -17.63 -0.73
N SER A 173 5.25 -18.26 -1.19
CA SER A 173 5.26 -18.85 -2.51
C SER A 173 5.44 -17.88 -3.67
N GLY A 174 5.33 -16.57 -3.45
CA GLY A 174 5.33 -15.67 -4.64
C GLY A 174 3.92 -15.42 -5.20
N LEU A 175 2.92 -16.00 -4.55
CA LEU A 175 1.55 -15.80 -5.01
C LEU A 175 0.76 -14.96 -3.98
N TYR A 176 -0.23 -14.22 -4.46
CA TYR A 176 -1.00 -13.30 -3.66
C TYR A 176 -2.23 -14.01 -3.09
N SER A 177 -2.75 -13.42 -2.03
CA SER A 177 -4.00 -13.89 -1.41
C SER A 177 -4.73 -12.68 -0.87
N LEU A 178 -6.04 -12.61 -1.16
CA LEU A 178 -6.87 -11.60 -0.52
C LEU A 178 -8.21 -12.10 0.02
N SER A 179 -8.80 -11.38 0.95
CA SER A 179 -10.15 -11.70 1.38
C SER A 179 -11.07 -10.53 1.03
N SER A 180 -12.35 -10.84 0.80
CA SER A 180 -13.42 -9.85 0.76
C SER A 180 -14.55 -10.33 1.70
N VAL A 181 -15.11 -9.44 2.51
CA VAL A 181 -16.05 -9.79 3.50
C VAL A 181 -17.27 -8.81 3.45
N VAL A 182 -18.40 -9.27 3.95
CA VAL A 182 -19.53 -8.35 4.07
C VAL A 182 -20.24 -8.69 5.34
N THR A 183 -20.70 -7.67 6.08
CA THR A 183 -21.58 -7.82 7.21
C THR A 183 -23.05 -7.56 6.77
N VAL A 184 -23.97 -8.43 7.20
CA VAL A 184 -25.37 -8.50 6.71
C VAL A 184 -26.22 -8.89 7.92
N PRO A 185 -27.56 -8.70 7.86
CA PRO A 185 -28.33 -9.06 9.07
C PRO A 185 -28.38 -10.57 9.26
N SER A 186 -28.26 -11.08 10.47
CA SER A 186 -28.42 -12.52 10.69
C SER A 186 -29.73 -13.06 10.16
N SER A 187 -30.77 -12.24 10.22
CA SER A 187 -32.08 -12.71 9.78
C SER A 187 -32.12 -12.98 8.24
N SER A 188 -31.29 -12.26 7.46
CA SER A 188 -31.23 -12.44 5.99
C SER A 188 -30.62 -13.79 5.53
N LEU A 189 -29.90 -14.48 6.42
CA LEU A 189 -29.10 -15.62 6.04
C LEU A 189 -29.87 -16.79 5.47
N GLY A 190 -31.05 -17.09 6.00
CA GLY A 190 -31.85 -18.20 5.42
C GLY A 190 -32.46 -17.83 4.07
N THR A 191 -32.64 -16.56 3.82
CA THR A 191 -33.43 -16.17 2.69
C THR A 191 -32.62 -15.49 1.58
N GLN A 192 -31.55 -14.75 1.91
CA GLN A 192 -30.86 -13.97 0.90
C GLN A 192 -29.60 -14.72 0.36
N THR A 193 -29.46 -14.72 -0.97
CA THR A 193 -28.32 -15.27 -1.68
C THR A 193 -27.15 -14.30 -1.71
N TYR A 194 -25.93 -14.83 -1.47
CA TYR A 194 -24.74 -14.02 -1.49
C TYR A 194 -23.73 -14.67 -2.36
N ILE A 195 -23.34 -13.98 -3.44
CA ILE A 195 -22.36 -14.57 -4.33
C ILE A 195 -21.24 -13.55 -4.51
N CYS A 196 -19.98 -13.97 -4.29
CA CYS A 196 -18.88 -13.06 -4.65
C CYS A 196 -18.43 -13.32 -6.09
N ASN A 197 -18.27 -12.25 -6.86
CA ASN A 197 -17.85 -12.32 -8.27
C ASN A 197 -16.36 -11.92 -8.34
N VAL A 198 -15.47 -12.84 -8.67
CA VAL A 198 -14.05 -12.55 -8.67
C VAL A 198 -13.65 -12.53 -10.14
N ASN A 199 -12.88 -11.53 -10.51
CA ASN A 199 -12.33 -11.42 -11.84
C ASN A 199 -10.84 -11.15 -11.76
N HIS A 200 -10.03 -12.08 -12.24
CA HIS A 200 -8.56 -11.92 -12.40
C HIS A 200 -8.23 -11.69 -13.85
N LYS A 201 -8.22 -10.42 -14.28
CA LYS A 201 -8.01 -10.14 -15.72
C LYS A 201 -6.67 -10.72 -16.29
N PRO A 202 -5.59 -10.70 -15.50
CA PRO A 202 -4.30 -11.17 -16.09
C PRO A 202 -4.24 -12.67 -16.50
N SER A 203 -5.12 -13.52 -15.95
CA SER A 203 -5.23 -14.93 -16.32
C SER A 203 -6.55 -15.19 -17.07
N ASN A 204 -7.34 -14.17 -17.32
CA ASN A 204 -8.66 -14.36 -17.86
C ASN A 204 -9.54 -15.36 -17.10
N THR A 205 -9.51 -15.27 -15.77
CA THR A 205 -10.30 -16.09 -14.88
C THR A 205 -11.42 -15.28 -14.20
N LYS A 206 -12.63 -15.83 -14.28
CA LYS A 206 -13.80 -15.32 -13.56
C LYS A 206 -14.39 -16.45 -12.76
N VAL A 207 -14.72 -16.19 -11.50
CA VAL A 207 -15.37 -17.19 -10.64
C VAL A 207 -16.47 -16.47 -9.92
N ASP A 208 -17.65 -17.12 -9.85
CA ASP A 208 -18.77 -16.78 -8.96
C ASP A 208 -18.91 -17.86 -7.85
N LYS A 209 -18.73 -17.43 -6.61
CA LYS A 209 -18.75 -18.31 -5.49
C LYS A 209 -19.96 -17.94 -4.62
N LYS A 210 -20.88 -18.89 -4.45
CA LYS A 210 -22.02 -18.65 -3.58
C LYS A 210 -21.55 -19.04 -2.17
N VAL A 211 -21.82 -18.17 -1.22
CA VAL A 211 -21.44 -18.39 0.18
C VAL A 211 -22.70 -18.55 1.03
N GLU A 212 -22.78 -19.66 1.72
CA GLU A 212 -23.88 -19.87 2.72
C GLU A 212 -23.48 -20.48 4.08
N PRO A 213 -24.41 -20.50 5.02
CA PRO A 213 -24.11 -21.08 6.35
C PRO A 213 -23.67 -22.52 6.28
N ASP B 1 25.43 9.85 4.20
CA ASP B 1 24.06 10.16 3.68
C ASP B 1 23.30 10.96 4.72
N ILE B 2 22.67 12.05 4.33
CA ILE B 2 21.88 12.81 5.30
C ILE B 2 20.60 12.02 5.59
N GLN B 3 20.32 11.82 6.88
CA GLN B 3 19.14 11.10 7.32
C GLN B 3 18.04 12.13 7.72
N MET B 4 16.88 11.98 7.08
CA MET B 4 15.75 12.81 7.32
C MET B 4 14.76 12.01 8.13
N THR B 5 14.26 12.62 9.19
CA THR B 5 13.40 11.93 10.11
C THR B 5 12.08 12.63 10.22
N GLN B 6 11.01 11.92 9.93
CA GLN B 6 9.68 12.39 10.25
C GLN B 6 9.23 11.44 11.37
N THR B 7 9.40 11.86 12.60
CA THR B 7 9.13 10.97 13.76
C THR B 7 7.64 10.63 14.03
N THR B 8 6.69 11.33 13.39
CA THR B 8 5.30 10.89 13.39
C THR B 8 5.04 10.36 12.02
N SER B 9 4.61 9.11 12.04
CA SER B 9 4.40 8.40 10.86
C SER B 9 2.89 8.43 10.58
N SER B 10 2.08 8.64 11.61
CA SER B 10 0.64 8.76 11.41
C SER B 10 0.13 9.92 12.25
N LEU B 11 -0.69 10.80 11.68
CA LEU B 11 -1.13 12.00 12.38
C LEU B 11 -2.63 12.18 12.19
N SER B 12 -3.37 12.18 13.29
CA SER B 12 -4.83 12.37 13.27
C SER B 12 -5.27 13.85 13.32
N ALA B 13 -6.34 14.19 12.62
CA ALA B 13 -6.74 15.63 12.49
C ALA B 13 -8.19 15.67 12.18
N SER B 14 -8.82 16.82 12.40
CA SER B 14 -10.14 17.06 11.90
C SER B 14 -10.16 18.06 10.75
N LEU B 15 -11.14 17.90 9.88
CA LEU B 15 -11.40 18.87 8.83
C LEU B 15 -11.51 20.30 9.43
N GLY B 16 -10.86 21.28 8.80
CA GLY B 16 -10.79 22.57 9.29
C GLY B 16 -9.69 22.92 10.25
N ASP B 17 -9.00 21.92 10.85
CA ASP B 17 -7.88 22.16 11.79
C ASP B 17 -6.62 22.74 11.09
N ARG B 18 -5.73 23.37 11.85
CA ARG B 18 -4.37 23.68 11.40
C ARG B 18 -3.53 22.43 11.72
N VAL B 19 -2.80 21.91 10.74
CA VAL B 19 -1.99 20.72 10.97
C VAL B 19 -0.59 21.03 10.75
N THR B 20 0.33 20.46 11.54
CA THR B 20 1.75 20.67 11.29
C THR B 20 2.50 19.38 11.27
N ILE B 21 3.37 19.27 10.27
CA ILE B 21 4.12 18.03 10.05
C ILE B 21 5.60 18.43 10.15
N SER B 22 6.34 17.66 10.91
CA SER B 22 7.72 17.95 11.19
C SER B 22 8.71 17.00 10.56
N CYS B 23 9.84 17.58 10.17
CA CYS B 23 10.93 16.89 9.58
C CYS B 23 12.24 17.34 10.32
N SER B 24 13.15 16.42 10.64
CA SER B 24 14.48 16.90 10.87
C SER B 24 15.65 16.13 10.22
N ALA B 25 16.61 16.89 9.76
CA ALA B 25 17.85 16.44 9.07
C ALA B 25 19.02 16.05 10.04
N SER B 26 19.82 15.02 9.74
CA SER B 26 20.87 14.56 10.66
C SER B 26 22.05 15.53 10.72
N GLN B 27 22.12 16.44 9.76
CA GLN B 27 23.11 17.49 9.78
C GLN B 27 22.52 18.66 8.97
N GLY B 28 23.17 19.82 8.98
CA GLY B 28 22.57 21.05 8.41
C GLY B 28 22.37 20.88 6.93
N ILE B 29 21.25 21.38 6.40
CA ILE B 29 20.96 21.28 4.95
C ILE B 29 20.67 22.62 4.33
N SER B 30 20.89 23.69 5.08
CA SER B 30 20.99 24.98 4.47
C SER B 30 19.71 25.33 3.69
N ASN B 31 18.56 24.94 4.23
CA ASN B 31 17.25 25.29 3.61
C ASN B 31 16.83 24.58 2.25
N TYR B 32 17.66 23.64 1.77
CA TYR B 32 17.35 22.80 0.61
C TYR B 32 16.42 21.62 0.99
N LEU B 33 15.17 21.99 1.23
CA LEU B 33 14.17 21.08 1.71
C LEU B 33 12.92 21.24 0.88
N ASN B 34 12.46 20.09 0.31
CA ASN B 34 11.21 19.98 -0.42
C ASN B 34 10.17 19.28 0.40
N TRP B 35 8.89 19.60 0.20
CA TRP B 35 7.78 18.84 0.73
C TRP B 35 6.95 18.34 -0.40
N PHE B 36 6.64 17.04 -0.33
CA PHE B 36 5.76 16.32 -1.26
C PHE B 36 4.52 15.78 -0.63
N GLN B 37 3.47 15.77 -1.42
CA GLN B 37 2.21 15.14 -1.07
C GLN B 37 2.01 13.93 -1.97
N GLN B 38 1.68 12.79 -1.39
CA GLN B 38 1.26 11.64 -2.20
C GLN B 38 -0.12 11.27 -1.85
N LYS B 39 -1.02 11.38 -2.83
CA LYS B 39 -2.42 11.08 -2.58
C LYS B 39 -2.67 9.60 -2.48
N PRO B 40 -3.87 9.24 -2.04
CA PRO B 40 -4.22 7.81 -1.89
C PRO B 40 -4.07 6.99 -3.23
N ASP B 41 -4.48 7.53 -4.36
CA ASP B 41 -4.18 6.86 -5.65
C ASP B 41 -2.71 6.78 -6.05
N GLY B 42 -1.79 7.34 -5.24
CA GLY B 42 -0.37 7.24 -5.53
C GLY B 42 0.22 8.41 -6.29
N THR B 43 -0.60 9.40 -6.69
CA THR B 43 -0.03 10.56 -7.39
C THR B 43 0.85 11.44 -6.44
N VAL B 44 2.03 11.79 -6.90
CA VAL B 44 2.97 12.63 -6.14
C VAL B 44 2.98 14.05 -6.71
N LYS B 45 2.87 15.03 -5.83
CA LYS B 45 3.02 16.42 -6.19
C LYS B 45 4.03 17.13 -5.29
N LEU B 46 4.85 18.04 -5.85
CA LEU B 46 5.62 18.97 -5.03
C LEU B 46 4.68 20.05 -4.42
N LEU B 47 4.83 20.31 -3.14
CA LEU B 47 4.05 21.37 -2.48
C LEU B 47 4.90 22.63 -2.27
N ILE B 48 6.04 22.43 -1.61
CA ILE B 48 6.91 23.55 -1.13
C ILE B 48 8.34 23.17 -1.54
N TYR B 49 9.07 24.09 -2.13
CA TYR B 49 10.52 23.86 -2.34
C TYR B 49 11.34 24.97 -1.67
N TYR B 50 12.64 24.71 -1.48
CA TYR B 50 13.54 25.63 -0.82
C TYR B 50 12.93 26.08 0.52
N THR B 51 12.39 25.14 1.34
CA THR B 51 11.84 25.44 2.69
C THR B 51 10.44 26.10 2.73
N SER B 52 10.26 27.15 1.94
CA SER B 52 9.02 27.91 1.97
C SER B 52 8.47 28.44 0.70
N SER B 53 9.02 28.10 -0.46
CA SER B 53 8.43 28.60 -1.67
C SER B 53 7.36 27.65 -2.13
N LEU B 54 6.22 28.21 -2.42
CA LEU B 54 5.06 27.45 -2.77
C LEU B 54 5.21 27.09 -4.25
N HIS B 55 5.01 25.82 -4.57
CA HIS B 55 5.12 25.38 -5.94
C HIS B 55 3.92 25.94 -6.67
N SER B 56 4.09 26.24 -7.94
CA SER B 56 2.98 26.67 -8.75
C SER B 56 1.85 25.68 -8.77
N GLY B 57 0.61 26.16 -8.62
CA GLY B 57 -0.53 25.27 -8.61
C GLY B 57 -0.97 24.87 -7.21
N VAL B 58 -0.13 25.12 -6.22
CA VAL B 58 -0.43 24.74 -4.83
C VAL B 58 -1.13 25.92 -4.01
N PRO B 59 -2.26 25.64 -3.34
CA PRO B 59 -2.91 26.72 -2.58
C PRO B 59 -2.14 27.20 -1.35
N SER B 60 -2.27 28.50 -1.04
CA SER B 60 -1.52 29.10 0.03
C SER B 60 -1.87 28.63 1.44
N ARG B 61 -2.87 27.80 1.59
CA ARG B 61 -3.07 27.17 2.88
C ARG B 61 -1.92 26.24 3.26
N PHE B 62 -1.13 25.79 2.27
CA PHE B 62 0.17 25.17 2.58
C PHE B 62 1.28 26.18 2.75
N SER B 63 2.11 26.03 3.80
CA SER B 63 3.29 26.87 3.99
C SER B 63 4.36 26.07 4.66
N GLY B 64 5.63 26.42 4.47
CA GLY B 64 6.69 25.68 5.13
C GLY B 64 7.62 26.62 5.89
N SER B 65 8.35 26.10 6.87
CA SER B 65 9.36 26.91 7.59
C SER B 65 10.43 26.03 8.20
N GLY B 66 11.53 26.69 8.60
CA GLY B 66 12.65 26.09 9.32
C GLY B 66 14.07 26.49 8.88
N SER B 67 15.10 25.92 9.54
CA SER B 67 16.51 25.99 9.09
C SER B 67 17.50 25.05 9.80
N GLY B 68 18.74 25.14 9.35
CA GLY B 68 19.74 24.19 9.78
C GLY B 68 19.13 22.81 9.63
N THR B 69 18.56 22.32 10.75
CA THR B 69 18.22 20.94 10.95
C THR B 69 16.68 20.70 11.05
N ASP B 70 15.87 21.72 11.30
CA ASP B 70 14.47 21.50 11.73
C ASP B 70 13.47 22.23 10.85
N TYR B 71 12.43 21.52 10.40
CA TYR B 71 11.53 22.06 9.38
C TYR B 71 10.11 21.53 9.59
N SER B 72 9.12 22.28 9.12
CA SER B 72 7.72 21.99 9.31
C SER B 72 6.92 22.40 8.09
N LEU B 73 5.93 21.58 7.79
CA LEU B 73 4.90 21.94 6.85
C LEU B 73 3.62 22.22 7.60
N THR B 74 2.94 23.31 7.29
CA THR B 74 1.73 23.63 7.92
C THR B 74 0.64 23.74 6.90
N ILE B 75 -0.48 23.13 7.23
CA ILE B 75 -1.68 23.19 6.45
C ILE B 75 -2.62 24.01 7.36
N SER B 76 -3.06 25.18 6.88
CA SER B 76 -3.78 26.14 7.74
C SER B 76 -5.18 25.69 8.05
N ASN B 77 -5.85 25.09 7.08
CA ASN B 77 -7.10 24.52 7.42
C ASN B 77 -7.40 23.33 6.52
N LEU B 78 -7.41 22.17 7.17
CA LEU B 78 -7.41 20.90 6.48
C LEU B 78 -8.67 20.72 5.71
N GLU B 79 -8.52 20.35 4.42
CA GLU B 79 -9.65 19.99 3.56
C GLU B 79 -9.61 18.50 3.26
N PRO B 80 -10.71 17.92 2.81
CA PRO B 80 -10.70 16.48 2.51
C PRO B 80 -9.66 16.04 1.50
N GLU B 81 -9.37 16.89 0.50
CA GLU B 81 -8.34 16.55 -0.52
C GLU B 81 -6.90 16.49 0.08
N ASP B 82 -6.72 16.97 1.32
CA ASP B 82 -5.41 17.05 1.95
C ASP B 82 -5.09 15.74 2.71
N ILE B 83 -6.05 14.81 2.80
CA ILE B 83 -5.79 13.54 3.50
C ILE B 83 -4.92 12.72 2.57
N ALA B 84 -3.68 12.47 2.97
CA ALA B 84 -2.62 12.00 2.05
C ALA B 84 -1.41 11.73 2.89
N THR B 85 -0.30 11.38 2.26
CA THR B 85 0.93 11.18 2.97
C THR B 85 1.95 12.26 2.52
N TYR B 86 2.66 12.86 3.48
CA TYR B 86 3.60 13.90 3.21
C TYR B 86 5.01 13.43 3.48
N TYR B 87 5.90 13.70 2.53
CA TYR B 87 7.30 13.36 2.62
C TYR B 87 8.16 14.62 2.50
N CYS B 88 9.17 14.74 3.35
CA CYS B 88 10.20 15.71 3.11
C CYS B 88 11.36 15.13 2.36
N GLN B 89 12.18 16.00 1.79
CA GLN B 89 13.35 15.58 1.03
C GLN B 89 14.40 16.66 1.14
N GLN B 90 15.65 16.28 1.40
CA GLN B 90 16.78 17.26 1.29
C GLN B 90 17.49 17.05 -0.02
N TYR B 91 17.85 18.16 -0.63
CA TYR B 91 18.62 18.15 -1.82
C TYR B 91 19.85 19.04 -1.68
N ARG B 92 20.41 19.10 -0.47
CA ARG B 92 21.71 19.76 -0.23
C ARG B 92 22.87 18.91 -0.66
N LYS B 93 22.90 17.65 -0.26
CA LYS B 93 24.03 16.78 -0.66
C LYS B 93 23.53 15.49 -1.31
N LEU B 94 24.22 15.07 -2.35
CA LEU B 94 24.01 13.77 -2.93
C LEU B 94 24.40 12.66 -1.99
N PRO B 95 23.62 11.57 -1.94
CA PRO B 95 22.34 11.32 -2.62
C PRO B 95 21.24 12.07 -1.93
N TYR B 96 20.28 12.61 -2.69
CA TYR B 96 19.14 13.30 -2.08
C TYR B 96 18.34 12.28 -1.33
N THR B 97 17.82 12.65 -0.16
CA THR B 97 17.22 11.64 0.71
C THR B 97 15.88 12.17 1.19
N PHE B 98 14.96 11.24 1.40
CA PHE B 98 13.59 11.54 1.79
C PHE B 98 13.34 11.11 3.23
N GLY B 99 12.41 11.77 3.89
CA GLY B 99 11.82 11.31 5.14
C GLY B 99 10.99 10.10 4.87
N GLY B 100 10.68 9.41 5.99
CA GLY B 100 9.82 8.23 5.99
C GLY B 100 8.34 8.46 5.78
N GLY B 101 7.87 9.71 5.82
CA GLY B 101 6.50 9.99 5.47
C GLY B 101 5.61 10.12 6.70
N THR B 102 4.65 11.03 6.61
CA THR B 102 3.58 11.20 7.61
C THR B 102 2.21 11.14 6.96
N LYS B 103 1.39 10.21 7.40
CA LYS B 103 0.12 9.96 6.74
C LYS B 103 -0.94 10.61 7.58
N LEU B 104 -1.79 11.46 7.01
CA LEU B 104 -2.86 12.07 7.76
C LEU B 104 -4.07 11.19 7.72
N GLU B 105 -4.84 11.19 8.80
CA GLU B 105 -6.12 10.56 8.85
C GLU B 105 -7.05 11.42 9.71
N ILE B 106 -8.31 11.08 9.69
CA ILE B 106 -9.40 11.83 10.37
C ILE B 106 -9.68 11.24 11.75
N LYS B 107 -9.67 12.10 12.76
CA LYS B 107 -9.97 11.71 14.14
C LYS B 107 -11.49 11.45 14.30
N ARG B 108 -11.87 10.44 15.11
CA ARG B 108 -13.26 10.21 15.50
C ARG B 108 -13.20 9.57 16.87
N THR B 109 -14.34 9.13 17.38
CA THR B 109 -14.32 8.54 18.75
C THR B 109 -13.81 7.09 18.65
N VAL B 110 -13.23 6.55 19.74
CA VAL B 110 -12.75 5.20 19.83
C VAL B 110 -13.92 4.23 19.58
N ALA B 111 -13.74 3.21 18.76
CA ALA B 111 -14.81 2.26 18.44
C ALA B 111 -14.13 0.90 18.46
N ALA B 112 -14.61 -0.05 19.28
CA ALA B 112 -14.02 -1.37 19.39
C ALA B 112 -14.34 -2.18 18.14
N PRO B 113 -13.46 -3.06 17.69
CA PRO B 113 -13.79 -3.99 16.55
C PRO B 113 -14.89 -5.01 16.91
N SER B 114 -15.77 -5.35 15.93
CA SER B 114 -16.51 -6.65 15.91
C SER B 114 -15.58 -7.70 15.35
N VAL B 115 -15.47 -8.83 16.02
CA VAL B 115 -14.48 -9.86 15.68
C VAL B 115 -15.20 -11.13 15.24
N PHE B 116 -14.68 -11.79 14.18
CA PHE B 116 -15.25 -13.01 13.62
C PHE B 116 -14.11 -13.93 13.17
N ILE B 117 -14.27 -15.20 13.42
CA ILE B 117 -13.30 -16.23 13.05
C ILE B 117 -13.94 -17.14 12.05
N PHE B 118 -13.17 -17.59 11.08
CA PHE B 118 -13.67 -18.43 9.99
C PHE B 118 -12.76 -19.67 9.80
N PRO B 119 -13.33 -20.87 9.97
CA PRO B 119 -12.57 -22.09 9.77
C PRO B 119 -12.23 -22.19 8.30
N PRO B 120 -11.28 -23.01 7.95
CA PRO B 120 -10.96 -23.36 6.58
C PRO B 120 -12.12 -24.21 5.99
N SER B 121 -12.37 -24.11 4.70
CA SER B 121 -13.45 -24.78 4.04
C SER B 121 -13.00 -26.20 3.78
N ASP B 122 -13.93 -27.14 3.68
CA ASP B 122 -13.56 -28.53 3.26
C ASP B 122 -13.01 -28.57 1.86
N GLU B 123 -13.51 -27.69 1.02
CA GLU B 123 -12.97 -27.52 -0.29
C GLU B 123 -11.43 -27.26 -0.32
N GLN B 124 -11.00 -26.29 0.45
CA GLN B 124 -9.54 -25.95 0.56
C GLN B 124 -8.75 -27.12 1.14
N LEU B 125 -9.31 -27.78 2.14
CA LEU B 125 -8.60 -28.84 2.82
C LEU B 125 -8.30 -29.98 1.89
N LYS B 126 -9.19 -30.24 0.92
CA LYS B 126 -8.90 -31.24 -0.14
C LYS B 126 -7.60 -31.00 -0.84
N SER B 127 -7.20 -29.76 -0.99
CA SER B 127 -5.96 -29.41 -1.68
C SER B 127 -4.72 -29.44 -0.77
N GLY B 128 -4.85 -29.70 0.52
CA GLY B 128 -3.66 -29.93 1.36
C GLY B 128 -3.28 -28.78 2.29
N THR B 129 -4.02 -27.67 2.26
CA THR B 129 -3.69 -26.44 3.05
C THR B 129 -4.95 -25.97 3.75
N ALA B 130 -4.79 -25.43 4.97
CA ALA B 130 -5.82 -24.79 5.71
C ALA B 130 -5.51 -23.29 5.98
N SER B 131 -6.41 -22.38 5.59
CA SER B 131 -6.35 -20.95 5.95
C SER B 131 -7.46 -20.65 6.95
N VAL B 132 -7.09 -20.16 8.12
CA VAL B 132 -8.03 -19.76 9.14
C VAL B 132 -7.99 -18.23 9.14
N VAL B 133 -9.17 -17.60 9.16
CA VAL B 133 -9.29 -16.17 8.95
C VAL B 133 -9.91 -15.55 10.16
N CYS B 134 -9.34 -14.43 10.57
CA CYS B 134 -9.87 -13.57 11.64
C CYS B 134 -10.17 -12.19 11.10
N LEU B 135 -11.41 -11.70 11.35
CA LEU B 135 -11.84 -10.43 10.82
C LEU B 135 -12.13 -9.54 11.95
N LEU B 136 -11.58 -8.33 11.86
CA LEU B 136 -11.80 -7.26 12.85
C LEU B 136 -12.46 -6.15 12.07
N ASN B 137 -13.74 -5.93 12.35
CA ASN B 137 -14.57 -5.04 11.57
C ASN B 137 -14.89 -3.69 12.25
N ASN B 138 -14.60 -2.58 11.52
CA ASN B 138 -15.02 -1.21 11.78
C ASN B 138 -14.56 -0.66 13.13
N PHE B 139 -13.25 -0.55 13.30
CA PHE B 139 -12.68 -0.09 14.54
C PHE B 139 -11.94 1.22 14.36
N TYR B 140 -11.69 1.88 15.47
CA TYR B 140 -10.87 3.13 15.51
C TYR B 140 -10.25 3.29 16.91
N PRO B 141 -8.97 3.58 16.99
CA PRO B 141 -7.97 3.87 15.97
C PRO B 141 -7.41 2.67 15.29
N ARG B 142 -6.46 2.87 14.38
CA ARG B 142 -5.98 1.79 13.49
C ARG B 142 -5.18 0.70 14.16
N GLU B 143 -4.51 1.06 15.24
CA GLU B 143 -3.59 0.18 15.91
C GLU B 143 -4.41 -0.94 16.59
N ALA B 144 -4.07 -2.17 16.28
CA ALA B 144 -4.79 -3.32 16.82
C ALA B 144 -3.81 -4.44 16.81
N LYS B 145 -3.99 -5.41 17.68
CA LYS B 145 -3.10 -6.58 17.68
C LYS B 145 -3.92 -7.88 17.66
N VAL B 146 -3.53 -8.79 16.78
CA VAL B 146 -4.11 -10.12 16.71
C VAL B 146 -3.05 -11.15 17.10
N GLN B 147 -3.40 -12.10 17.96
CA GLN B 147 -2.54 -13.19 18.32
C GLN B 147 -3.32 -14.48 18.02
N TRP B 148 -2.70 -15.37 17.28
CA TRP B 148 -3.28 -16.68 17.02
C TRP B 148 -2.80 -17.71 18.01
N LYS B 149 -3.70 -18.60 18.40
CA LYS B 149 -3.34 -19.71 19.26
C LYS B 149 -3.99 -21.01 18.78
N VAL B 150 -3.20 -22.10 18.72
CA VAL B 150 -3.70 -23.40 18.32
C VAL B 150 -3.41 -24.36 19.49
N ASP B 151 -4.49 -24.85 20.09
CA ASP B 151 -4.49 -25.60 21.35
C ASP B 151 -3.62 -24.87 22.38
N ASN B 152 -3.93 -23.62 22.67
CA ASN B 152 -3.07 -22.77 23.50
C ASN B 152 -1.59 -22.51 23.08
N ALA B 153 -1.04 -23.14 22.02
CA ALA B 153 0.26 -22.68 21.50
C ALA B 153 0.15 -21.33 20.69
N LEU B 154 0.88 -20.30 21.12
CA LEU B 154 0.99 -19.04 20.36
C LEU B 154 1.67 -19.34 18.99
N GLN B 155 1.07 -18.86 17.91
CA GLN B 155 1.54 -19.08 16.58
C GLN B 155 2.30 -17.82 16.21
N SER B 156 3.48 -17.96 15.62
CA SER B 156 4.24 -16.80 15.16
C SER B 156 4.97 -17.13 13.85
N GLY B 157 4.87 -16.25 12.88
CA GLY B 157 5.61 -16.45 11.61
C GLY B 157 4.76 -17.12 10.50
N ASN B 158 3.59 -17.63 10.89
CA ASN B 158 2.70 -18.37 9.95
C ASN B 158 1.32 -17.67 9.81
N SER B 159 1.29 -16.31 10.02
CA SER B 159 0.18 -15.50 9.64
C SER B 159 0.53 -14.27 8.87
N GLN B 160 -0.41 -13.75 8.10
CA GLN B 160 -0.24 -12.45 7.41
C GLN B 160 -1.55 -11.64 7.62
N GLU B 161 -1.46 -10.34 7.60
CA GLU B 161 -2.60 -9.47 7.79
C GLU B 161 -2.58 -8.27 6.87
N SER B 162 -3.75 -7.73 6.64
CA SER B 162 -3.83 -6.47 5.95
C SER B 162 -5.02 -5.69 6.39
N VAL B 163 -4.93 -4.38 6.15
CA VAL B 163 -5.84 -3.38 6.78
C VAL B 163 -6.40 -2.50 5.64
N THR B 164 -7.71 -2.23 5.65
CA THR B 164 -8.34 -1.28 4.78
C THR B 164 -7.90 0.17 5.06
N GLU B 165 -8.12 0.98 4.05
CA GLU B 165 -7.96 2.42 4.18
C GLU B 165 -9.14 2.93 4.97
N GLN B 166 -8.89 4.03 5.68
CA GLN B 166 -9.94 4.67 6.49
C GLN B 166 -11.17 4.86 5.71
N ASP B 167 -12.31 4.45 6.26
CA ASP B 167 -13.60 4.50 5.58
C ASP B 167 -14.10 5.97 5.43
N SER B 168 -14.59 6.32 4.24
CA SER B 168 -14.99 7.71 3.94
C SER B 168 -16.28 8.11 4.67
N LYS B 169 -17.15 7.16 4.95
CA LYS B 169 -18.39 7.44 5.67
C LYS B 169 -18.18 7.44 7.23
N ASP B 170 -17.52 6.42 7.81
CA ASP B 170 -17.51 6.29 9.25
C ASP B 170 -16.15 6.43 9.93
N SER B 171 -15.11 6.73 9.14
CA SER B 171 -13.78 6.97 9.60
C SER B 171 -13.18 5.78 10.40
N THR B 172 -13.63 4.56 10.16
CA THR B 172 -13.07 3.36 10.80
C THR B 172 -12.12 2.55 9.89
N TYR B 173 -11.50 1.57 10.48
CA TYR B 173 -10.64 0.63 9.80
C TYR B 173 -11.16 -0.80 9.99
N SER B 174 -10.80 -1.71 9.09
CA SER B 174 -11.04 -3.11 9.27
C SER B 174 -9.76 -3.86 8.98
N LEU B 175 -9.59 -5.04 9.57
CA LEU B 175 -8.39 -5.80 9.39
C LEU B 175 -8.72 -7.29 9.21
N SER B 176 -7.95 -7.95 8.36
CA SER B 176 -8.11 -9.39 8.05
C SER B 176 -6.76 -10.05 8.28
N SER B 177 -6.75 -11.05 9.16
CA SER B 177 -5.58 -11.88 9.40
C SER B 177 -5.83 -13.34 9.01
N THR B 178 -4.88 -13.90 8.27
CA THR B 178 -4.90 -15.30 7.86
C THR B 178 -3.75 -16.10 8.46
N LEU B 179 -4.11 -17.16 9.18
CA LEU B 179 -3.18 -18.20 9.66
C LEU B 179 -3.17 -19.38 8.69
N THR B 180 -2.01 -19.78 8.22
CA THR B 180 -1.87 -20.83 7.24
C THR B 180 -1.11 -22.03 7.86
N LEU B 181 -1.69 -23.20 7.76
CA LEU B 181 -1.08 -24.44 8.23
C LEU B 181 -1.28 -25.51 7.16
N SER B 182 -0.48 -26.57 7.18
CA SER B 182 -0.76 -27.76 6.34
C SER B 182 -2.09 -28.38 6.84
N LYS B 183 -2.79 -29.06 5.94
CA LYS B 183 -3.94 -29.87 6.35
C LYS B 183 -3.55 -30.85 7.45
N ALA B 184 -2.42 -31.52 7.29
CA ALA B 184 -1.95 -32.49 8.28
C ALA B 184 -1.73 -31.86 9.69
N ASP B 185 -1.19 -30.60 9.75
CA ASP B 185 -1.06 -29.88 11.02
C ASP B 185 -2.45 -29.47 11.51
N TYR B 186 -3.33 -29.00 10.61
CA TYR B 186 -4.64 -28.56 11.02
C TYR B 186 -5.44 -29.65 11.75
N GLU B 187 -5.35 -30.88 11.23
CA GLU B 187 -6.09 -32.03 11.74
C GLU B 187 -5.47 -32.59 13.00
N LYS B 188 -4.30 -32.11 13.43
CA LYS B 188 -3.71 -32.63 14.67
C LYS B 188 -4.14 -31.84 15.86
N HIS B 189 -4.93 -30.76 15.68
CA HIS B 189 -5.25 -29.89 16.78
C HIS B 189 -6.72 -29.61 16.82
N LYS B 190 -7.17 -29.15 17.95
CA LYS B 190 -8.57 -28.92 18.16
C LYS B 190 -9.03 -27.48 18.24
N VAL B 191 -8.45 -26.71 19.17
CA VAL B 191 -8.93 -25.39 19.44
C VAL B 191 -8.14 -24.34 18.65
N TYR B 192 -8.86 -23.58 17.85
CA TYR B 192 -8.29 -22.50 17.02
C TYR B 192 -8.89 -21.19 17.48
N ALA B 193 -8.04 -20.23 17.83
CA ALA B 193 -8.47 -18.93 18.42
C ALA B 193 -7.70 -17.75 17.91
N CYS B 194 -8.39 -16.64 17.78
CA CYS B 194 -7.73 -15.35 17.59
C CYS B 194 -8.11 -14.40 18.70
N GLU B 195 -7.07 -13.83 19.32
CA GLU B 195 -7.19 -12.97 20.48
C GLU B 195 -6.84 -11.54 20.00
N VAL B 196 -7.78 -10.62 20.18
CA VAL B 196 -7.69 -9.27 19.67
C VAL B 196 -7.55 -8.24 20.86
N THR B 197 -6.55 -7.39 20.75
CA THR B 197 -6.27 -6.31 21.67
C THR B 197 -6.46 -5.01 20.89
N HIS B 198 -7.17 -4.07 21.52
CA HIS B 198 -7.51 -2.81 20.92
C HIS B 198 -7.93 -1.84 22.01
N GLN B 199 -7.64 -0.56 21.81
CA GLN B 199 -7.98 0.47 22.84
C GLN B 199 -9.48 0.50 23.24
N GLY B 200 -10.37 0.14 22.32
CA GLY B 200 -11.75 0.09 22.64
C GLY B 200 -12.20 -1.11 23.42
N LEU B 201 -11.34 -2.10 23.62
CA LEU B 201 -11.77 -3.28 24.40
C LEU B 201 -11.03 -3.24 25.71
N SER B 202 -11.79 -3.28 26.81
CA SER B 202 -11.22 -3.13 28.15
C SER B 202 -10.34 -4.30 28.48
N SER B 203 -10.59 -5.46 27.92
CA SER B 203 -9.60 -6.52 27.89
C SER B 203 -9.74 -7.30 26.54
N PRO B 204 -8.75 -8.13 26.21
CA PRO B 204 -8.77 -8.73 24.87
C PRO B 204 -9.98 -9.59 24.64
N VAL B 205 -10.46 -9.64 23.40
CA VAL B 205 -11.58 -10.47 22.95
C VAL B 205 -10.96 -11.68 22.20
N THR B 206 -11.32 -12.91 22.63
CA THR B 206 -10.99 -14.12 21.95
C THR B 206 -12.21 -14.67 21.22
N LYS B 207 -12.07 -14.94 19.92
CA LYS B 207 -12.99 -15.76 19.17
C LYS B 207 -12.29 -17.08 18.80
N SER B 208 -13.01 -18.16 19.00
CA SER B 208 -12.44 -19.48 18.76
C SER B 208 -13.48 -20.48 18.19
N PHE B 209 -13.02 -21.56 17.55
CA PHE B 209 -13.83 -22.74 17.25
C PHE B 209 -13.03 -24.02 17.57
N ASN B 210 -13.76 -25.16 17.73
CA ASN B 210 -13.18 -26.48 17.82
C ASN B 210 -13.33 -27.16 16.51
N ARG B 211 -12.22 -27.60 15.94
CA ARG B 211 -12.24 -28.24 14.64
C ARG B 211 -13.24 -29.43 14.66
N GLY B 212 -14.04 -29.56 13.61
CA GLY B 212 -14.99 -30.65 13.40
C GLY B 212 -16.12 -30.64 14.41
N GLU B 213 -16.49 -29.43 14.85
CA GLU B 213 -17.60 -29.24 15.74
C GLU B 213 -18.24 -27.91 15.42
#